data_4ER7
#
_entry.id   4ER7
#
_cell.length_a   150.617
_cell.length_b   150.617
_cell.length_c   52.800
_cell.angle_alpha   90.000
_cell.angle_beta   90.000
_cell.angle_gamma   120.000
#
_symmetry.space_group_name_H-M   'P 65'
#
loop_
_entity.id
_entity.type
_entity.pdbx_description
1 polymer 'Histone-lysine N-methyltransferase, H3 lysine-79 specific'
2 non-polymer 5-bromo-7-{5-[(3-{[(4-tert-butylphenyl)carbamoyl]amino}propyl)amino]-5-deoxy-beta-D-ribofuranosyl}-7H-pyrrolo[2,3-d]pyrimidin-4-amine
3 non-polymer GLYCEROL
4 water water
#
_entity_poly.entity_id   1
_entity_poly.type   'polypeptide(L)'
_entity_poly.pdbx_seq_one_letter_code
;GMGEKLELRLKSPVGAEPAVYPWPLPVYDKHHDAAHEIIETIRWVCEEIPDLKLAMENYVLIDYDTKSFESMQRLCDKYN
RAIDSIHQLWKGTTQPMKLNTRPSTGLLRHILQQVYNHSVTDPEKLNNYEPFSPEVYGETSFDLVAQMIDEIKMTDDDLF
VDLGSGVGQVVLQVAAATNCKHHYGVEKADIPAKYAETMDREFRKWMKWYGKKHAEYTLERGDFLSEEWRERIANTSVIF
VNNFAFGPEVDHQLKERFANMKEGGRIVSSKPFAPLNFRINSRNLSDIGTIMRVVELSPLKGSVSWTGKPVSYYLHTIDR
TILENYFSSLKNPKLREEQEAARRRQQRESKSNAATPTKGPEGKVAGPADAPMDSGAEEEKAGAATVKKPSPSKARKKKL
NKKGRKMAGRKRGRPKKMNTA
;
_entity_poly.pdbx_strand_id   A
#
# COMPACT_ATOMS: atom_id res chain seq x y z
N LYS A 5 -29.21 -21.05 -16.23
CA LYS A 5 -27.92 -20.58 -15.63
C LYS A 5 -27.53 -19.22 -16.23
N LEU A 6 -28.22 -18.17 -15.79
CA LEU A 6 -28.04 -16.81 -16.30
C LEU A 6 -26.71 -16.18 -15.83
N GLU A 7 -26.18 -15.27 -16.65
CA GLU A 7 -24.83 -14.75 -16.46
C GLU A 7 -24.65 -13.37 -17.03
N LEU A 8 -23.69 -12.62 -16.47
CA LEU A 8 -23.25 -11.36 -17.02
C LEU A 8 -21.76 -11.44 -17.22
N ARG A 9 -21.28 -10.87 -18.33
CA ARG A 9 -19.88 -10.98 -18.70
C ARG A 9 -19.41 -9.61 -19.04
N LEU A 10 -18.19 -9.26 -18.63
CA LEU A 10 -17.58 -8.07 -19.12
C LEU A 10 -16.29 -8.43 -19.84
N LYS A 11 -16.11 -7.86 -21.02
CA LYS A 11 -14.90 -8.06 -21.76
C LYS A 11 -13.76 -7.23 -21.19
N SER A 12 -12.56 -7.80 -21.17
CA SER A 12 -11.34 -7.09 -20.84
C SER A 12 -11.00 -6.08 -21.92
N PRO A 13 -10.55 -4.87 -21.53
CA PRO A 13 -10.17 -3.90 -22.51
C PRO A 13 -8.90 -4.25 -23.27
N VAL A 14 -8.17 -5.27 -22.85
CA VAL A 14 -6.95 -5.65 -23.56
C VAL A 14 -6.97 -7.12 -23.95
N GLY A 15 -8.15 -7.71 -24.08
CA GLY A 15 -8.27 -9.09 -24.57
C GLY A 15 -7.95 -10.21 -23.60
N ALA A 16 -7.84 -9.96 -22.30
CA ALA A 16 -7.78 -11.07 -21.37
C ALA A 16 -9.14 -11.76 -21.34
N GLU A 17 -9.24 -12.86 -20.62
CA GLU A 17 -10.48 -13.59 -20.44
C GLU A 17 -11.55 -12.68 -19.79
N PRO A 18 -12.83 -12.88 -20.15
CA PRO A 18 -13.84 -11.99 -19.65
C PRO A 18 -14.15 -12.21 -18.18
N ALA A 19 -14.60 -11.16 -17.50
CA ALA A 19 -15.08 -11.30 -16.14
C ALA A 19 -16.49 -11.85 -16.26
N VAL A 20 -16.79 -12.94 -15.55
CA VAL A 20 -18.10 -13.59 -15.64
C VAL A 20 -18.74 -13.61 -14.25
N TYR A 21 -19.98 -13.13 -14.15
CA TYR A 21 -20.68 -13.09 -12.88
C TYR A 21 -21.96 -13.87 -13.02
N PRO A 22 -22.32 -14.71 -12.03
CA PRO A 22 -23.63 -15.34 -12.09
C PRO A 22 -24.77 -14.39 -11.70
N TRP A 23 -25.99 -14.72 -12.15
CA TRP A 23 -27.19 -14.01 -11.76
C TRP A 23 -28.07 -14.95 -10.93
N PRO A 24 -28.73 -14.43 -9.88
CA PRO A 24 -28.60 -13.07 -9.40
C PRO A 24 -27.19 -12.74 -8.89
N LEU A 25 -26.84 -11.46 -9.01
CA LEU A 25 -25.50 -10.99 -8.70
C LEU A 25 -25.19 -11.14 -7.19
N PRO A 26 -24.08 -11.83 -6.86
CA PRO A 26 -23.67 -12.00 -5.47
C PRO A 26 -23.49 -10.69 -4.69
N VAL A 27 -23.67 -10.77 -3.37
CA VAL A 27 -23.36 -9.69 -2.44
C VAL A 27 -22.06 -10.12 -1.75
N TYR A 28 -21.11 -9.19 -1.61
CA TYR A 28 -19.79 -9.49 -1.00
C TYR A 28 -19.80 -9.16 0.50
N ASP A 29 -20.32 -8.00 0.88
CA ASP A 29 -20.53 -7.66 2.30
C ASP A 29 -21.53 -6.55 2.39
N LYS A 30 -21.67 -5.98 3.57
CA LYS A 30 -22.73 -4.99 3.83
C LYS A 30 -22.65 -3.79 2.90
N HIS A 31 -21.46 -3.44 2.43
CA HIS A 31 -21.31 -2.25 1.55
C HIS A 31 -20.86 -2.53 0.12
N HIS A 32 -20.63 -3.78 -0.23
CA HIS A 32 -20.15 -4.11 -1.57
C HIS A 32 -20.91 -5.28 -2.19
N ASP A 33 -21.20 -5.17 -3.48
CA ASP A 33 -21.80 -6.26 -4.25
C ASP A 33 -21.35 -6.30 -5.72
N ALA A 34 -21.66 -7.40 -6.38
CA ALA A 34 -21.18 -7.62 -7.76
C ALA A 34 -21.74 -6.60 -8.71
N ALA A 35 -22.95 -6.11 -8.45
CA ALA A 35 -23.61 -5.16 -9.35
C ALA A 35 -22.87 -3.87 -9.40
N HIS A 36 -22.47 -3.40 -8.22
CA HIS A 36 -21.67 -2.18 -8.15
C HIS A 36 -20.24 -2.39 -8.59
N GLU A 37 -19.69 -3.55 -8.32
CA GLU A 37 -18.37 -3.85 -8.89
C GLU A 37 -18.40 -3.76 -10.45
N ILE A 38 -19.48 -4.29 -11.07
CA ILE A 38 -19.67 -4.17 -12.54
C ILE A 38 -19.77 -2.74 -12.99
N ILE A 39 -20.67 -1.99 -12.37
CA ILE A 39 -20.81 -0.58 -12.71
C ILE A 39 -19.50 0.18 -12.57
N GLU A 40 -18.75 -0.07 -11.49
CA GLU A 40 -17.51 0.66 -11.28
C GLU A 40 -16.40 0.19 -12.22
N THR A 41 -16.34 -1.11 -12.54
CA THR A 41 -15.41 -1.60 -13.58
C THR A 41 -15.63 -0.85 -14.88
N ILE A 42 -16.88 -0.68 -15.28
CA ILE A 42 -17.21 0.01 -16.53
C ILE A 42 -16.79 1.46 -16.45
N ARG A 43 -17.15 2.15 -15.40
N ARG A 43 -17.20 2.14 -15.39
CA ARG A 43 -16.72 3.54 -15.28
CA ARG A 43 -16.73 3.50 -15.04
C ARG A 43 -15.20 3.68 -15.19
C ARG A 43 -15.23 3.63 -15.22
N TRP A 44 -14.49 2.74 -14.57
CA TRP A 44 -13.03 2.81 -14.61
C TRP A 44 -12.40 2.43 -15.96
N VAL A 45 -12.96 1.47 -16.70
CA VAL A 45 -12.45 1.26 -18.05
C VAL A 45 -12.68 2.51 -18.87
N CYS A 46 -13.81 3.20 -18.69
CA CYS A 46 -14.07 4.44 -19.42
C CYS A 46 -13.06 5.55 -19.11
N GLU A 47 -12.57 5.61 -17.87
CA GLU A 47 -11.48 6.57 -17.50
C GLU A 47 -10.19 6.13 -18.13
N GLU A 48 -10.03 4.84 -18.28
CA GLU A 48 -8.84 4.28 -18.90
C GLU A 48 -8.79 4.53 -20.43
N ILE A 49 -9.95 4.72 -21.09
CA ILE A 49 -10.05 4.85 -22.57
C ILE A 49 -11.12 5.87 -22.95
N PRO A 50 -10.71 7.09 -23.31
CA PRO A 50 -11.71 8.13 -23.58
C PRO A 50 -12.66 7.86 -24.75
N ASP A 51 -12.19 7.16 -25.77
CA ASP A 51 -13.10 6.77 -26.86
C ASP A 51 -14.29 5.97 -26.32
N LEU A 52 -14.02 5.10 -25.35
CA LEU A 52 -15.09 4.36 -24.69
C LEU A 52 -16.02 5.28 -23.91
N LYS A 53 -15.43 6.23 -23.19
CA LYS A 53 -16.18 7.17 -22.39
C LYS A 53 -17.10 7.95 -23.30
N LEU A 54 -16.56 8.38 -24.45
CA LEU A 54 -17.40 9.00 -25.49
C LEU A 54 -18.62 8.15 -25.85
N ALA A 55 -18.41 6.87 -26.13
CA ALA A 55 -19.49 6.01 -26.62
C ALA A 55 -20.53 5.62 -25.55
N MET A 56 -20.18 5.76 -24.28
CA MET A 56 -21.10 5.30 -23.23
C MET A 56 -22.05 6.42 -22.83
N ILE A 62 -27.21 6.82 -13.34
CA ILE A 62 -27.75 5.86 -12.38
C ILE A 62 -29.25 5.57 -12.60
N ASP A 63 -29.67 5.62 -13.88
CA ASP A 63 -31.02 5.22 -14.31
C ASP A 63 -31.04 3.72 -14.66
N TYR A 64 -30.21 2.95 -13.95
CA TYR A 64 -30.12 1.51 -14.12
C TYR A 64 -30.64 0.83 -12.87
N ASP A 65 -31.34 -0.28 -13.06
CA ASP A 65 -31.91 -1.05 -11.99
C ASP A 65 -31.02 -2.27 -11.80
N THR A 66 -30.21 -2.24 -10.74
CA THR A 66 -29.26 -3.31 -10.43
C THR A 66 -29.96 -4.62 -10.03
N LYS A 67 -31.26 -4.56 -9.77
CA LYS A 67 -32.01 -5.77 -9.46
C LYS A 67 -32.74 -6.35 -10.69
N SER A 68 -32.64 -5.70 -11.84
CA SER A 68 -33.24 -6.24 -13.07
C SER A 68 -32.19 -6.85 -13.98
N PHE A 69 -32.34 -8.13 -14.31
CA PHE A 69 -31.43 -8.80 -15.22
C PHE A 69 -31.35 -8.09 -16.59
N GLU A 70 -32.49 -7.63 -17.08
CA GLU A 70 -32.56 -7.00 -18.40
C GLU A 70 -31.88 -5.65 -18.38
N SER A 71 -32.04 -4.91 -17.30
CA SER A 71 -31.38 -3.63 -17.16
C SER A 71 -29.84 -3.79 -17.08
N MET A 72 -29.39 -4.80 -16.34
CA MET A 72 -27.95 -5.03 -16.13
C MET A 72 -27.34 -5.65 -17.39
N GLN A 73 -28.10 -6.54 -18.05
CA GLN A 73 -27.66 -7.12 -19.34
C GLN A 73 -27.48 -6.05 -20.40
N ARG A 74 -28.39 -5.08 -20.46
CA ARG A 74 -28.25 -3.99 -21.43
C ARG A 74 -27.05 -3.09 -21.13
N LEU A 75 -26.70 -2.95 -19.85
CA LEU A 75 -25.50 -2.17 -19.52
C LEU A 75 -24.27 -2.93 -19.99
N CYS A 76 -24.18 -4.19 -19.63
CA CYS A 76 -23.04 -5.00 -20.00
C CYS A 76 -22.90 -5.16 -21.52
N ASP A 77 -24.02 -5.41 -22.21
CA ASP A 77 -24.04 -5.56 -23.68
C ASP A 77 -23.54 -4.28 -24.26
N LYS A 78 -24.07 -3.16 -23.80
CA LYS A 78 -23.61 -1.88 -24.34
C LYS A 78 -22.11 -1.59 -24.13
N TYR A 79 -21.56 -1.93 -22.96
CA TYR A 79 -20.11 -1.85 -22.72
C TYR A 79 -19.35 -2.83 -23.63
N ASN A 80 -19.80 -4.07 -23.70
CA ASN A 80 -19.14 -5.07 -24.56
C ASN A 80 -19.09 -4.68 -26.05
N ARG A 81 -20.18 -4.09 -26.56
N ARG A 81 -20.16 -4.07 -26.56
CA ARG A 81 -20.23 -3.61 -27.95
CA ARG A 81 -20.22 -3.64 -27.95
C ARG A 81 -19.19 -2.53 -28.13
C ARG A 81 -19.38 -2.39 -28.22
N ALA A 82 -19.18 -1.57 -27.19
CA ALA A 82 -18.23 -0.45 -27.26
C ALA A 82 -16.77 -0.94 -27.19
N ILE A 83 -16.52 -1.97 -26.40
CA ILE A 83 -15.17 -2.56 -26.33
C ILE A 83 -14.76 -3.17 -27.70
N ASP A 84 -15.65 -3.97 -28.28
CA ASP A 84 -15.41 -4.52 -29.64
C ASP A 84 -15.10 -3.42 -30.61
N SER A 85 -15.90 -2.36 -30.59
CA SER A 85 -15.65 -1.29 -31.53
C SER A 85 -14.35 -0.55 -31.27
N ILE A 86 -13.91 -0.48 -30.01
CA ILE A 86 -12.61 0.15 -29.70
C ILE A 86 -11.47 -0.75 -30.16
N HIS A 87 -11.60 -2.05 -29.98
CA HIS A 87 -10.59 -2.95 -30.50
C HIS A 87 -10.45 -2.87 -32.04
N GLN A 88 -11.55 -2.60 -32.73
CA GLN A 88 -11.49 -2.41 -34.18
C GLN A 88 -10.76 -1.12 -34.48
N LEU A 89 -11.10 -0.06 -33.76
CA LEU A 89 -10.44 1.24 -33.89
C LEU A 89 -8.93 1.11 -33.78
N TRP A 90 -8.49 0.27 -32.86
CA TRP A 90 -7.06 0.05 -32.64
C TRP A 90 -6.39 -0.72 -33.76
N LYS A 91 -7.14 -1.60 -34.42
CA LYS A 91 -6.61 -2.29 -35.62
C LYS A 91 -6.36 -1.28 -36.75
N GLY A 92 -7.12 -0.20 -36.77
CA GLY A 92 -6.97 0.85 -37.76
C GLY A 92 -5.72 1.69 -37.52
N THR A 93 -5.82 2.99 -37.77
CA THR A 93 -4.68 3.90 -37.58
C THR A 93 -4.57 4.44 -36.13
N THR A 94 -5.69 4.52 -35.41
CA THR A 94 -5.65 4.89 -33.99
C THR A 94 -4.69 3.97 -33.25
N GLN A 95 -3.92 4.55 -32.34
CA GLN A 95 -2.96 3.79 -31.55
C GLN A 95 -3.71 3.09 -30.42
N PRO A 96 -3.34 1.83 -30.14
CA PRO A 96 -3.93 1.18 -28.99
C PRO A 96 -3.54 1.86 -27.67
N MET A 97 -4.27 1.51 -26.60
CA MET A 97 -3.91 1.92 -25.25
C MET A 97 -2.51 1.38 -24.94
N LYS A 98 -1.64 2.25 -24.43
CA LYS A 98 -0.33 1.82 -23.98
C LYS A 98 -0.53 0.72 -22.93
N LEU A 99 0.13 -0.42 -23.12
CA LEU A 99 0.23 -1.46 -22.08
C LEU A 99 1.36 -1.06 -21.13
N ASN A 100 1.69 -1.93 -20.17
CA ASN A 100 2.85 -1.68 -19.30
C ASN A 100 2.82 -0.35 -18.49
N THR A 101 1.68 0.37 -18.44
CA THR A 101 1.57 1.52 -17.57
C THR A 101 1.13 1.06 -16.19
N ARG A 102 1.25 1.99 -15.24
CA ARG A 102 0.79 1.79 -13.88
C ARG A 102 -0.59 2.35 -13.80
N PRO A 103 -1.42 1.76 -12.95
CA PRO A 103 -2.80 2.25 -12.81
C PRO A 103 -2.82 3.58 -12.12
N SER A 104 -3.77 4.43 -12.44
CA SER A 104 -3.99 5.62 -11.68
C SER A 104 -4.45 5.27 -10.26
N THR A 105 -4.33 6.22 -9.34
CA THR A 105 -4.72 5.99 -7.96
C THR A 105 -6.19 5.54 -7.87
N GLY A 106 -7.06 6.23 -8.59
CA GLY A 106 -8.49 5.86 -8.63
C GLY A 106 -8.78 4.43 -9.12
N LEU A 107 -8.10 4.01 -10.16
CA LEU A 107 -8.31 2.68 -10.70
C LEU A 107 -7.76 1.64 -9.74
N LEU A 108 -6.58 1.95 -9.22
CA LEU A 108 -5.95 1.05 -8.27
C LEU A 108 -6.85 0.83 -7.07
N ARG A 109 -7.48 1.87 -6.57
CA ARG A 109 -8.39 1.67 -5.46
C ARG A 109 -9.51 0.68 -5.86
N HIS A 110 -10.05 0.82 -7.07
CA HIS A 110 -11.09 -0.09 -7.55
C HIS A 110 -10.54 -1.49 -7.66
N ILE A 111 -9.33 -1.62 -8.21
CA ILE A 111 -8.77 -2.95 -8.37
C ILE A 111 -8.60 -3.66 -7.05
N LEU A 112 -8.07 -2.96 -6.04
CA LEU A 112 -7.85 -3.57 -4.73
C LEU A 112 -9.17 -3.97 -4.05
N GLN A 113 -10.21 -3.20 -4.21
CA GLN A 113 -11.54 -3.55 -3.66
C GLN A 113 -12.04 -4.82 -4.36
N GLN A 114 -11.94 -4.79 -5.68
CA GLN A 114 -12.26 -5.95 -6.48
C GLN A 114 -11.49 -7.18 -6.03
N VAL A 115 -10.17 -7.05 -5.88
CA VAL A 115 -9.36 -8.20 -5.43
C VAL A 115 -9.83 -8.70 -4.06
N TYR A 116 -10.14 -7.77 -3.18
CA TYR A 116 -10.60 -8.12 -1.85
C TYR A 116 -11.97 -8.84 -1.95
N ASN A 117 -12.89 -8.27 -2.73
CA ASN A 117 -14.22 -8.87 -2.95
C ASN A 117 -14.10 -10.33 -3.36
N HIS A 118 -13.21 -10.67 -4.28
CA HIS A 118 -13.09 -12.06 -4.75
C HIS A 118 -12.15 -12.94 -3.89
N SER A 119 -11.40 -12.35 -2.98
CA SER A 119 -10.38 -13.11 -2.20
C SER A 119 -10.81 -13.46 -0.77
N VAL A 120 -11.39 -12.50 -0.05
CA VAL A 120 -11.76 -12.72 1.34
C VAL A 120 -13.24 -13.03 1.42
N THR A 121 -13.56 -14.31 1.26
CA THR A 121 -14.94 -14.81 1.17
C THR A 121 -15.65 -14.71 2.51
N ASP A 122 -14.93 -14.98 3.59
CA ASP A 122 -15.45 -14.80 4.93
C ASP A 122 -14.67 -13.70 5.66
N PRO A 123 -15.17 -12.45 5.58
CA PRO A 123 -14.61 -11.33 6.35
C PRO A 123 -14.48 -11.63 7.84
N GLU A 124 -15.52 -12.28 8.39
CA GLU A 124 -15.61 -12.52 9.83
C GLU A 124 -14.39 -13.27 10.40
N LYS A 125 -13.99 -14.35 9.74
CA LYS A 125 -12.78 -15.11 10.12
C LYS A 125 -11.57 -14.18 10.30
N LEU A 126 -11.47 -13.18 9.42
CA LEU A 126 -10.36 -12.21 9.42
C LEU A 126 -10.53 -11.08 10.43
N ASN A 127 -11.76 -10.58 10.57
CA ASN A 127 -12.10 -9.55 11.58
C ASN A 127 -11.60 -9.88 12.99
N ASN A 128 -11.64 -11.17 13.33
CA ASN A 128 -11.16 -11.67 14.62
C ASN A 128 -9.63 -11.59 14.79
N TYR A 129 -8.92 -10.99 13.82
CA TYR A 129 -7.49 -10.66 13.98
C TYR A 129 -7.27 -9.14 13.99
N GLU A 130 -8.36 -8.36 14.08
CA GLU A 130 -8.29 -6.89 14.08
C GLU A 130 -7.79 -6.37 15.43
N GLU A 139 -10.93 1.10 4.03
CA GLU A 139 -9.50 1.31 3.76
C GLU A 139 -9.16 2.80 3.65
N THR A 140 -9.33 3.54 4.77
CA THR A 140 -8.87 4.94 4.88
C THR A 140 -7.37 4.97 4.73
N SER A 141 -6.73 3.85 5.08
CA SER A 141 -5.32 3.67 4.85
C SER A 141 -4.92 3.84 3.38
N PHE A 142 -5.78 3.40 2.46
CA PHE A 142 -5.48 3.52 1.04
C PHE A 142 -5.03 4.95 0.73
N ASP A 143 -5.78 5.93 1.20
CA ASP A 143 -5.47 7.34 0.92
C ASP A 143 -4.18 7.80 1.57
N LEU A 144 -3.90 7.25 2.75
CA LEU A 144 -2.69 7.62 3.49
C LEU A 144 -1.47 7.04 2.82
N VAL A 145 -1.57 5.77 2.44
CA VAL A 145 -0.52 5.15 1.66
C VAL A 145 -0.29 5.89 0.35
N ALA A 146 -1.38 6.31 -0.30
CA ALA A 146 -1.30 7.05 -1.57
C ALA A 146 -0.54 8.34 -1.35
N GLN A 147 -0.87 9.07 -0.30
CA GLN A 147 -0.08 10.28 0.04
C GLN A 147 1.42 9.92 0.23
N MET A 148 1.68 8.84 0.96
CA MET A 148 3.07 8.44 1.23
C MET A 148 3.82 8.09 -0.03
N ILE A 149 3.21 7.35 -0.93
CA ILE A 149 3.81 7.06 -2.22
C ILE A 149 4.22 8.35 -2.96
N ASP A 150 3.43 9.40 -2.87
CA ASP A 150 3.79 10.70 -3.48
C ASP A 150 4.87 11.46 -2.73
N GLU A 151 4.91 11.37 -1.40
CA GLU A 151 5.93 12.11 -0.63
C GLU A 151 7.26 11.38 -0.50
N ILE A 152 7.21 10.08 -0.22
CA ILE A 152 8.41 9.29 0.00
C ILE A 152 8.92 8.84 -1.36
N LYS A 153 9.81 9.61 -1.97
CA LYS A 153 10.32 9.25 -3.29
C LYS A 153 11.03 7.90 -3.21
N MET A 154 10.73 7.04 -4.18
CA MET A 154 11.26 5.69 -4.25
C MET A 154 11.76 5.43 -5.66
N THR A 155 12.83 4.65 -5.77
CA THR A 155 13.49 4.38 -7.04
C THR A 155 13.78 2.91 -7.11
N ASP A 156 14.37 2.45 -8.21
CA ASP A 156 14.72 1.04 -8.36
C ASP A 156 15.94 0.59 -7.57
N ASP A 157 16.55 1.50 -6.81
CA ASP A 157 17.55 1.11 -5.81
C ASP A 157 16.88 0.59 -4.52
N ASP A 158 15.62 0.97 -4.28
CA ASP A 158 14.94 0.66 -3.03
C ASP A 158 14.36 -0.73 -2.91
N LEU A 159 14.36 -1.23 -1.68
CA LEU A 159 13.65 -2.43 -1.28
C LEU A 159 12.61 -2.00 -0.23
N PHE A 160 11.35 -2.42 -0.44
CA PHE A 160 10.23 -2.01 0.41
C PHE A 160 9.70 -3.17 1.21
N VAL A 161 9.38 -2.95 2.48
CA VAL A 161 8.71 -3.94 3.29
C VAL A 161 7.61 -3.30 4.07
N ASP A 162 6.49 -4.03 4.17
CA ASP A 162 5.42 -3.73 5.09
C ASP A 162 5.51 -4.75 6.19
N LEU A 163 5.83 -4.28 7.40
CA LEU A 163 6.03 -5.18 8.56
C LEU A 163 4.72 -5.49 9.24
N GLY A 164 4.29 -6.74 9.13
CA GLY A 164 2.97 -7.15 9.59
C GLY A 164 1.95 -6.80 8.53
N SER A 165 1.94 -7.52 7.42
CA SER A 165 1.23 -7.08 6.20
C SER A 165 -0.28 -7.46 6.07
N GLY A 166 -0.77 -8.28 7.00
CA GLY A 166 -2.17 -8.68 6.98
C GLY A 166 -2.49 -9.50 5.72
N VAL A 167 -3.51 -9.08 4.97
CA VAL A 167 -3.88 -9.77 3.74
C VAL A 167 -3.08 -9.23 2.57
N GLY A 168 -2.29 -8.18 2.82
CA GLY A 168 -1.29 -7.76 1.86
C GLY A 168 -1.61 -6.53 1.08
N GLN A 169 -2.66 -5.82 1.44
CA GLN A 169 -3.20 -4.74 0.61
C GLN A 169 -2.21 -3.60 0.39
N VAL A 170 -1.43 -3.27 1.43
CA VAL A 170 -0.52 -2.11 1.34
C VAL A 170 0.63 -2.45 0.42
N VAL A 171 1.11 -3.69 0.49
CA VAL A 171 2.19 -4.12 -0.39
C VAL A 171 1.70 -4.07 -1.83
N LEU A 172 0.48 -4.57 -2.08
CA LEU A 172 -0.06 -4.53 -3.45
C LEU A 172 -0.17 -3.13 -3.95
N GLN A 173 -0.61 -2.21 -3.10
CA GLN A 173 -0.76 -0.82 -3.53
C GLN A 173 0.57 -0.17 -3.88
N VAL A 174 1.61 -0.44 -3.09
CA VAL A 174 2.89 0.24 -3.31
C VAL A 174 3.55 -0.39 -4.52
N ALA A 175 3.38 -1.70 -4.67
CA ALA A 175 3.98 -2.41 -5.82
C ALA A 175 3.35 -1.95 -7.15
N ALA A 176 2.05 -1.67 -7.13
CA ALA A 176 1.38 -1.19 -8.32
C ALA A 176 1.92 0.18 -8.69
N ALA A 177 2.32 0.95 -7.69
CA ALA A 177 2.61 2.36 -7.94
C ALA A 177 4.08 2.75 -8.08
N THR A 178 5.03 1.94 -7.58
CA THR A 178 6.44 2.37 -7.57
C THR A 178 7.38 1.46 -8.35
N ASN A 179 8.63 1.93 -8.47
CA ASN A 179 9.73 1.19 -9.10
C ASN A 179 10.68 0.49 -8.14
N CYS A 180 10.36 0.37 -6.85
CA CYS A 180 11.24 -0.36 -5.96
C CYS A 180 11.58 -1.68 -6.67
N LYS A 181 12.78 -2.17 -6.43
CA LYS A 181 13.25 -3.41 -7.03
C LYS A 181 12.44 -4.58 -6.53
N HIS A 182 12.03 -4.54 -5.27
CA HIS A 182 11.17 -5.55 -4.73
C HIS A 182 10.36 -4.99 -3.56
N HIS A 183 9.22 -5.62 -3.32
CA HIS A 183 8.31 -5.21 -2.29
C HIS A 183 8.02 -6.49 -1.55
N TYR A 184 8.07 -6.47 -0.22
CA TYR A 184 7.70 -7.62 0.60
C TYR A 184 6.66 -7.28 1.64
N GLY A 185 5.86 -8.27 1.98
CA GLY A 185 5.00 -8.21 3.16
C GLY A 185 5.31 -9.43 3.98
N VAL A 186 5.28 -9.28 5.30
CA VAL A 186 5.56 -10.37 6.21
C VAL A 186 4.45 -10.38 7.25
N GLU A 187 3.83 -11.54 7.45
CA GLU A 187 2.70 -11.68 8.33
C GLU A 187 2.82 -12.99 9.11
N LYS A 188 2.54 -12.96 10.41
CA LYS A 188 2.74 -14.15 11.24
C LYS A 188 1.46 -14.99 11.33
N ALA A 189 0.31 -14.34 11.50
CA ALA A 189 -0.96 -15.05 11.75
C ALA A 189 -1.48 -15.82 10.51
N ASP A 190 -2.23 -16.88 10.76
CA ASP A 190 -2.48 -17.90 9.72
C ASP A 190 -3.60 -17.53 8.78
N ILE A 191 -4.67 -17.00 9.36
CA ILE A 191 -5.82 -16.57 8.62
C ILE A 191 -5.34 -15.54 7.58
N PRO A 192 -4.73 -14.41 8.05
CA PRO A 192 -4.34 -13.38 7.09
C PRO A 192 -3.31 -13.85 6.08
N ALA A 193 -2.36 -14.68 6.49
CA ALA A 193 -1.38 -15.21 5.54
C ALA A 193 -2.05 -16.07 4.46
N LYS A 194 -3.08 -16.82 4.86
CA LYS A 194 -3.80 -17.70 3.93
C LYS A 194 -4.51 -16.82 2.91
N TYR A 195 -5.28 -15.86 3.39
CA TYR A 195 -5.93 -14.90 2.48
C TYR A 195 -4.99 -14.12 1.57
N ALA A 196 -3.78 -13.80 2.05
CA ALA A 196 -2.78 -13.12 1.21
C ALA A 196 -2.40 -13.91 -0.04
N GLU A 197 -2.39 -15.24 0.06
CA GLU A 197 -2.04 -16.07 -1.10
C GLU A 197 -3.05 -15.90 -2.23
N THR A 198 -4.31 -15.77 -1.84
CA THR A 198 -5.41 -15.56 -2.77
C THR A 198 -5.40 -14.11 -3.27
N MET A 199 -5.17 -13.15 -2.38
CA MET A 199 -5.09 -11.75 -2.78
C MET A 199 -4.06 -11.61 -3.86
N ASP A 200 -2.96 -12.32 -3.71
CA ASP A 200 -1.87 -12.26 -4.66
C ASP A 200 -2.30 -12.75 -6.04
N ARG A 201 -2.95 -13.91 -6.07
CA ARG A 201 -3.47 -14.50 -7.33
C ARG A 201 -4.53 -13.59 -7.97
N GLU A 202 -5.49 -13.14 -7.18
CA GLU A 202 -6.51 -12.25 -7.69
C GLU A 202 -5.93 -10.94 -8.21
N PHE A 203 -4.91 -10.42 -7.54
CA PHE A 203 -4.27 -9.17 -7.96
C PHE A 203 -3.60 -9.30 -9.30
N ARG A 204 -2.80 -10.34 -9.49
CA ARG A 204 -2.15 -10.52 -10.76
C ARG A 204 -3.23 -10.69 -11.89
N LYS A 205 -4.25 -11.52 -11.67
N LYS A 205 -4.23 -11.53 -11.62
CA LYS A 205 -5.32 -11.69 -12.67
CA LYS A 205 -5.37 -11.75 -12.52
C LYS A 205 -5.97 -10.35 -13.03
C LYS A 205 -6.03 -10.44 -12.98
N TRP A 206 -6.41 -9.60 -12.02
CA TRP A 206 -7.10 -8.35 -12.33
C TRP A 206 -6.20 -7.29 -12.93
N MET A 207 -4.93 -7.21 -12.53
CA MET A 207 -4.04 -6.23 -13.15
C MET A 207 -3.86 -6.56 -14.66
N LYS A 208 -3.69 -7.83 -14.97
CA LYS A 208 -3.70 -8.30 -16.37
C LYS A 208 -4.99 -7.94 -17.09
N TRP A 209 -6.13 -8.18 -16.45
CA TRP A 209 -7.43 -7.85 -17.05
C TRP A 209 -7.51 -6.41 -17.52
N TYR A 210 -7.00 -5.47 -16.71
CA TYR A 210 -7.05 -4.04 -17.06
C TYR A 210 -5.86 -3.62 -17.91
N GLY A 211 -4.89 -4.50 -18.09
CA GLY A 211 -3.72 -4.15 -18.91
C GLY A 211 -2.69 -3.27 -18.21
N LYS A 212 -2.54 -3.46 -16.90
CA LYS A 212 -1.70 -2.55 -16.14
C LYS A 212 -0.57 -3.33 -15.51
N LYS A 213 0.56 -2.66 -15.31
CA LYS A 213 1.76 -3.31 -14.76
C LYS A 213 1.93 -3.01 -13.28
N HIS A 214 2.72 -3.86 -12.61
CA HIS A 214 3.14 -3.64 -11.23
C HIS A 214 4.60 -4.08 -11.09
N ALA A 215 5.31 -3.53 -10.10
CA ALA A 215 6.68 -3.96 -9.78
C ALA A 215 6.62 -5.31 -9.11
N GLU A 216 7.76 -5.97 -8.91
CA GLU A 216 7.77 -7.29 -8.28
C GLU A 216 7.42 -7.21 -6.80
N TYR A 217 6.77 -8.25 -6.31
CA TYR A 217 6.47 -8.34 -4.90
C TYR A 217 6.34 -9.77 -4.46
N THR A 218 6.45 -9.97 -3.15
CA THR A 218 6.23 -11.26 -2.51
C THR A 218 5.52 -11.08 -1.18
N LEU A 219 4.51 -11.90 -0.94
CA LEU A 219 3.84 -11.94 0.35
C LEU A 219 4.31 -13.21 1.04
N GLU A 220 4.73 -13.09 2.31
CA GLU A 220 5.34 -14.21 3.04
C GLU A 220 4.70 -14.38 4.37
N ARG A 221 4.66 -15.64 4.83
CA ARG A 221 4.32 -15.97 6.22
C ARG A 221 5.65 -15.85 6.97
N GLY A 222 5.62 -15.29 8.16
CA GLY A 222 6.87 -15.11 8.91
C GLY A 222 6.69 -14.28 10.16
N ASP A 223 7.74 -14.26 10.98
CA ASP A 223 7.83 -13.34 12.10
C ASP A 223 8.94 -12.33 11.81
N PHE A 224 8.59 -11.05 11.76
CA PHE A 224 9.58 -10.01 11.45
C PHE A 224 10.54 -9.74 12.62
N LEU A 225 10.15 -10.19 13.82
CA LEU A 225 11.07 -10.21 14.97
C LEU A 225 12.01 -11.42 14.96
N SER A 226 11.92 -12.29 13.95
CA SER A 226 12.75 -13.48 13.88
C SER A 226 14.17 -13.17 13.43
N GLU A 227 15.07 -14.12 13.61
N GLU A 227 15.05 -14.15 13.59
CA GLU A 227 16.50 -13.94 13.31
CA GLU A 227 16.47 -14.00 13.33
C GLU A 227 16.74 -13.76 11.82
C GLU A 227 16.75 -13.79 11.85
N GLU A 228 15.98 -14.47 10.99
CA GLU A 228 16.04 -14.25 9.52
C GLU A 228 15.73 -12.78 9.19
N TRP A 229 14.71 -12.24 9.82
CA TRP A 229 14.29 -10.88 9.52
C TRP A 229 15.25 -9.78 10.03
N ARG A 230 16.10 -10.12 10.99
CA ARG A 230 17.16 -9.21 11.45
C ARG A 230 17.99 -8.69 10.29
N GLU A 231 18.53 -9.60 9.49
CA GLU A 231 19.38 -9.20 8.36
C GLU A 231 18.55 -8.54 7.24
N ARG A 232 17.31 -8.98 7.08
CA ARG A 232 16.46 -8.46 5.99
C ARG A 232 16.02 -7.03 6.29
N ILE A 233 15.57 -6.80 7.51
CA ILE A 233 15.32 -5.43 7.97
C ILE A 233 16.57 -4.58 7.72
N ALA A 234 17.75 -5.13 8.04
CA ALA A 234 19.00 -4.37 7.88
C ALA A 234 19.24 -3.91 6.46
N ASN A 235 18.80 -4.72 5.50
N ASN A 235 18.82 -4.75 5.50
CA ASN A 235 19.04 -4.39 4.09
CA ASN A 235 19.00 -4.47 4.08
C ASN A 235 17.85 -3.69 3.36
C ASN A 235 17.73 -3.95 3.36
N THR A 236 16.80 -3.36 4.11
CA THR A 236 15.61 -2.73 3.51
C THR A 236 15.76 -1.22 3.53
N SER A 237 15.43 -0.54 2.44
CA SER A 237 15.58 0.89 2.42
C SER A 237 14.31 1.70 2.78
N VAL A 238 13.13 1.07 2.66
CA VAL A 238 11.84 1.73 3.01
C VAL A 238 10.98 0.71 3.73
N ILE A 239 10.63 1.02 4.98
CA ILE A 239 9.79 0.19 5.79
C ILE A 239 8.50 0.95 6.12
N PHE A 240 7.35 0.30 5.96
CA PHE A 240 6.08 0.87 6.45
C PHE A 240 5.68 -0.01 7.58
N VAL A 241 5.17 0.57 8.67
CA VAL A 241 4.79 -0.29 9.76
C VAL A 241 3.71 0.36 10.55
N ASN A 242 2.58 -0.31 10.65
CA ASN A 242 1.40 0.25 11.27
C ASN A 242 1.42 -0.12 12.74
N ASN A 243 2.21 0.63 13.53
CA ASN A 243 2.57 0.22 14.90
C ASN A 243 1.79 0.92 16.05
N PHE A 244 0.81 1.75 15.72
CA PHE A 244 0.07 2.50 16.74
C PHE A 244 -0.36 1.58 17.89
N ALA A 245 -0.84 0.39 17.56
CA ALA A 245 -1.37 -0.50 18.58
C ALA A 245 -0.38 -1.55 19.01
N PHE A 246 0.85 -1.51 18.51
CA PHE A 246 1.88 -2.43 18.99
C PHE A 246 2.21 -2.05 20.44
N GLY A 247 2.61 -3.06 21.21
CA GLY A 247 2.99 -2.82 22.60
C GLY A 247 4.46 -2.43 22.66
N PRO A 248 4.90 -1.95 23.85
CA PRO A 248 6.28 -1.45 24.03
C PRO A 248 7.35 -2.49 23.75
N GLU A 249 7.12 -3.75 24.09
CA GLU A 249 8.18 -4.74 23.88
C GLU A 249 8.44 -4.98 22.42
N VAL A 250 7.37 -4.96 21.61
CA VAL A 250 7.53 -5.13 20.16
C VAL A 250 8.23 -3.94 19.57
N ASP A 251 7.77 -2.74 19.93
CA ASP A 251 8.39 -1.50 19.46
C ASP A 251 9.87 -1.46 19.85
N HIS A 252 10.14 -1.81 21.11
CA HIS A 252 11.52 -1.89 21.57
C HIS A 252 12.35 -2.86 20.72
N GLN A 253 11.79 -4.02 20.42
CA GLN A 253 12.50 -4.99 19.60
C GLN A 253 12.71 -4.51 18.16
N LEU A 254 11.79 -3.68 17.66
CA LEU A 254 11.91 -3.13 16.29
C LEU A 254 12.99 -2.08 16.26
N LYS A 255 13.02 -1.24 17.29
CA LYS A 255 14.08 -0.24 17.42
C LYS A 255 15.44 -0.91 17.27
N GLU A 256 15.62 -2.04 17.94
CA GLU A 256 16.91 -2.75 17.85
C GLU A 256 17.19 -3.27 16.42
N ARG A 257 16.16 -3.60 15.63
CA ARG A 257 16.43 -4.07 14.25
C ARG A 257 16.74 -2.91 13.35
N PHE A 258 16.10 -1.78 13.59
CA PHE A 258 16.33 -0.59 12.76
C PHE A 258 17.75 -0.01 12.94
N ALA A 259 18.34 -0.22 14.13
CA ALA A 259 19.73 0.20 14.41
C ALA A 259 20.73 -0.33 13.41
N ASN A 260 20.43 -1.46 12.77
CA ASN A 260 21.32 -1.95 11.70
C ASN A 260 21.01 -1.51 10.29
N MET A 261 20.04 -0.60 10.13
CA MET A 261 19.68 -0.15 8.79
C MET A 261 20.76 0.78 8.29
N LYS A 262 20.88 0.90 6.97
CA LYS A 262 21.84 1.82 6.36
C LYS A 262 21.39 3.26 6.33
N GLU A 263 22.37 4.15 6.20
CA GLU A 263 22.14 5.58 6.16
C GLU A 263 21.13 5.90 5.04
N GLY A 264 20.22 6.82 5.31
CA GLY A 264 19.19 7.17 4.32
C GLY A 264 18.01 6.21 4.30
N GLY A 265 18.11 5.06 4.94
CA GLY A 265 16.97 4.18 5.15
C GLY A 265 15.81 4.92 5.82
N ARG A 266 14.59 4.51 5.50
CA ARG A 266 13.40 5.22 5.94
C ARG A 266 12.35 4.30 6.51
N ILE A 267 11.69 4.76 7.57
CA ILE A 267 10.63 4.04 8.28
C ILE A 267 9.46 5.01 8.38
N VAL A 268 8.28 4.56 7.97
CA VAL A 268 7.06 5.37 8.05
C VAL A 268 6.13 4.59 8.90
N SER A 269 5.60 5.20 9.95
CA SER A 269 4.84 4.42 10.90
C SER A 269 3.72 5.28 11.40
N SER A 270 2.80 4.67 12.15
CA SER A 270 1.69 5.35 12.78
C SER A 270 1.94 5.77 14.23
N LYS A 271 3.09 5.39 14.79
CA LYS A 271 3.55 5.88 16.11
C LYS A 271 5.07 6.02 16.06
N PRO A 272 5.60 7.16 16.51
CA PRO A 272 7.02 7.39 16.27
C PRO A 272 7.86 6.43 17.12
N PHE A 273 9.05 6.12 16.63
CA PHE A 273 9.93 5.23 17.34
C PHE A 273 10.92 6.04 18.21
N ALA A 274 10.93 7.36 18.11
CA ALA A 274 11.79 8.23 18.94
C ALA A 274 11.10 9.55 19.10
N PRO A 275 11.46 10.31 20.16
CA PRO A 275 10.87 11.63 20.30
C PRO A 275 11.17 12.48 19.11
N LEU A 276 10.27 13.42 18.80
CA LEU A 276 10.45 14.32 17.67
C LEU A 276 11.47 15.44 17.95
N ASN A 277 11.61 15.73 19.24
N ASN A 277 11.73 15.79 19.20
CA ASN A 277 12.57 16.68 19.79
CA ASN A 277 12.79 16.78 19.46
C ASN A 277 13.60 15.90 20.58
C ASN A 277 13.84 16.19 20.41
N PHE A 278 14.45 15.13 19.92
CA PHE A 278 15.42 14.35 20.63
C PHE A 278 16.70 15.12 20.80
N ARG A 279 17.18 15.23 22.04
CA ARG A 279 18.43 15.93 22.33
C ARG A 279 19.37 14.85 22.83
N ILE A 280 20.44 14.61 22.10
N ILE A 280 20.45 14.59 22.09
CA ILE A 280 21.38 13.57 22.51
CA ILE A 280 21.43 13.60 22.51
C ILE A 280 22.16 14.04 23.75
C ILE A 280 22.11 14.08 23.79
N ASN A 281 22.33 13.16 24.72
CA ASN A 281 23.10 13.46 25.93
C ASN A 281 23.67 12.19 26.52
N SER A 282 24.47 12.35 27.57
CA SER A 282 25.33 11.26 28.02
C SER A 282 24.50 10.09 28.51
N ARG A 283 23.27 10.34 28.93
CA ARG A 283 22.38 9.30 29.46
C ARG A 283 21.57 8.52 28.39
N ASN A 284 21.34 9.12 27.22
CA ASN A 284 20.49 8.52 26.17
C ASN A 284 21.27 8.12 24.90
N LEU A 285 22.58 7.95 25.06
CA LEU A 285 23.54 7.72 23.97
C LEU A 285 23.28 6.53 23.12
N SER A 286 22.69 5.55 23.74
CA SER A 286 22.40 4.28 23.12
C SER A 286 21.02 4.29 22.39
N ASP A 287 20.18 5.31 22.64
CA ASP A 287 18.80 5.32 22.07
C ASP A 287 18.78 5.48 20.52
N ILE A 288 17.78 4.85 19.90
CA ILE A 288 17.56 4.91 18.45
C ILE A 288 17.49 6.36 17.95
N GLY A 289 17.01 7.26 18.78
CA GLY A 289 17.00 8.68 18.44
C GLY A 289 18.33 9.35 18.14
N THR A 290 19.43 8.74 18.57
CA THR A 290 20.77 9.23 18.23
C THR A 290 21.10 9.04 16.75
N ILE A 291 20.38 8.14 16.06
CA ILE A 291 20.72 7.87 14.68
C ILE A 291 19.61 8.15 13.62
N MET A 292 18.56 8.89 13.97
CA MET A 292 17.52 9.21 12.97
C MET A 292 16.87 10.56 13.19
N ARG A 293 16.59 11.25 12.09
CA ARG A 293 15.67 12.36 12.09
C ARG A 293 14.25 11.78 12.09
N VAL A 294 13.37 12.37 12.87
CA VAL A 294 12.00 11.94 12.97
C VAL A 294 11.13 13.15 12.71
N VAL A 295 10.20 13.05 11.76
CA VAL A 295 9.27 14.15 11.56
C VAL A 295 7.86 13.65 11.53
N GLU A 296 6.96 14.48 11.99
CA GLU A 296 5.54 14.22 11.86
C GLU A 296 5.15 14.63 10.44
N LEU A 297 4.57 13.72 9.68
CA LEU A 297 4.19 14.05 8.29
C LEU A 297 2.91 14.88 8.23
N SER A 298 2.79 15.69 7.18
CA SER A 298 1.51 16.41 6.86
C SER A 298 0.34 15.45 6.88
N PRO A 299 -0.68 15.70 7.68
CA PRO A 299 -1.81 14.80 7.62
C PRO A 299 -2.78 15.16 6.45
N LEU A 300 -3.60 14.19 6.08
CA LEU A 300 -4.56 14.35 5.01
C LEU A 300 -5.85 14.91 5.58
N LYS A 301 -6.18 16.14 5.20
CA LYS A 301 -7.37 16.84 5.70
C LYS A 301 -8.57 15.92 5.54
N GLY A 302 -9.40 15.88 6.57
CA GLY A 302 -10.62 15.09 6.53
C GLY A 302 -10.47 13.66 7.02
N SER A 303 -9.26 13.08 6.95
CA SER A 303 -9.04 11.72 7.42
C SER A 303 -9.01 11.69 8.94
N VAL A 304 -9.83 10.85 9.56
CA VAL A 304 -9.88 10.72 11.02
C VAL A 304 -9.82 9.26 11.45
N SER A 305 -9.05 8.98 12.50
CA SER A 305 -8.92 7.64 13.06
C SER A 305 -10.19 7.15 13.79
N TRP A 306 -10.20 5.86 14.11
CA TRP A 306 -11.23 5.27 14.99
C TRP A 306 -11.28 5.89 16.39
N THR A 307 -10.23 6.63 16.75
CA THR A 307 -10.15 7.37 18.03
C THR A 307 -10.81 8.75 17.96
N GLY A 308 -11.31 9.13 16.78
CA GLY A 308 -11.87 10.46 16.57
C GLY A 308 -10.89 11.51 16.10
N LYS A 309 -9.62 11.44 16.51
CA LYS A 309 -8.62 12.45 16.11
C LYS A 309 -8.20 12.32 14.63
N PRO A 310 -7.82 13.45 13.98
CA PRO A 310 -7.22 13.35 12.65
C PRO A 310 -5.96 12.46 12.66
N VAL A 311 -5.71 11.74 11.56
CA VAL A 311 -4.63 10.75 11.58
C VAL A 311 -3.30 11.48 11.56
N SER A 312 -2.29 10.85 12.15
CA SER A 312 -0.91 11.33 11.96
C SER A 312 0.01 10.12 11.64
N TYR A 313 1.09 10.40 10.94
CA TYR A 313 2.08 9.38 10.60
C TYR A 313 3.46 10.03 10.67
N TYR A 314 4.49 9.19 10.78
CA TYR A 314 5.82 9.66 11.18
C TYR A 314 6.87 9.07 10.26
N LEU A 315 7.70 9.94 9.71
CA LEU A 315 8.80 9.54 8.88
C LEU A 315 10.11 9.57 9.71
N HIS A 316 10.80 8.44 9.70
CA HIS A 316 12.14 8.31 10.30
C HIS A 316 13.17 8.08 9.20
N THR A 317 14.21 8.91 9.17
CA THR A 317 15.33 8.77 8.23
C THR A 317 16.66 8.49 9.02
N ILE A 318 17.32 7.39 8.66
CA ILE A 318 18.56 6.97 9.30
C ILE A 318 19.61 8.01 8.94
N ASP A 319 20.11 8.73 9.95
CA ASP A 319 21.08 9.82 9.77
C ASP A 319 22.09 9.81 10.95
N ARG A 320 23.25 9.25 10.70
CA ARG A 320 24.25 9.08 11.77
C ARG A 320 25.13 10.32 11.97
N THR A 321 24.87 11.38 11.20
CA THR A 321 25.62 12.62 11.38
C THR A 321 25.19 13.30 12.68
N ILE A 322 24.02 12.93 13.21
CA ILE A 322 23.57 13.48 14.49
C ILE A 322 24.53 13.00 15.62
N LEU A 323 24.89 11.73 15.56
CA LEU A 323 25.73 11.12 16.55
C LEU A 323 27.17 11.66 16.37
N GLU A 324 27.67 11.65 15.13
CA GLU A 324 28.98 12.22 14.79
C GLU A 324 29.21 13.62 15.39
N ASN A 325 28.23 14.50 15.20
CA ASN A 325 28.34 15.87 15.70
C ASN A 325 28.33 15.95 17.22
N TYR A 326 27.62 15.04 17.87
CA TYR A 326 27.68 14.98 19.33
C TYR A 326 29.10 14.66 19.78
N PHE A 327 29.70 13.64 19.19
CA PHE A 327 31.07 13.27 19.53
C PHE A 327 32.05 14.39 19.27
N SER A 328 31.93 15.06 18.13
N SER A 328 31.93 15.04 18.11
CA SER A 328 32.77 16.22 17.83
CA SER A 328 32.73 16.21 17.79
C SER A 328 32.61 17.32 18.87
C SER A 328 32.60 17.29 18.87
N SER A 329 31.38 17.55 19.31
CA SER A 329 31.11 18.58 20.30
C SER A 329 31.75 18.26 21.66
N LEU A 330 31.88 16.97 21.97
CA LEU A 330 32.52 16.56 23.22
C LEU A 330 34.03 16.85 23.20
N LYS A 331 34.61 16.95 22.01
CA LYS A 331 36.02 17.30 21.87
C LYS A 331 36.28 18.80 22.01
N ASN A 332 35.23 19.62 21.91
CA ASN A 332 35.35 21.06 21.94
C ASN A 332 35.09 21.54 23.38
N PRO A 333 36.12 22.04 24.08
CA PRO A 333 35.91 22.39 25.50
C PRO A 333 34.81 23.44 25.74
N LYS A 334 34.62 24.37 24.80
CA LYS A 334 33.54 25.35 24.94
C LYS A 334 32.17 24.66 24.95
N LEU A 335 31.97 23.79 23.95
CA LEU A 335 30.70 23.04 23.80
C LEU A 335 30.52 22.03 24.93
N ARG A 336 31.61 21.36 25.29
CA ARG A 336 31.57 20.41 26.39
C ARG A 336 31.10 21.07 27.68
N GLU A 337 31.58 22.28 27.96
N GLU A 337 31.58 22.29 27.94
CA GLU A 337 31.15 23.00 29.17
CA GLU A 337 31.18 23.06 29.13
C GLU A 337 29.66 23.35 29.10
C GLU A 337 29.68 23.39 29.10
N GLU A 338 29.21 23.88 27.96
CA GLU A 338 27.79 24.26 27.78
C GLU A 338 26.88 23.05 28.04
N GLN A 339 27.18 21.95 27.34
CA GLN A 339 26.48 20.69 27.54
C GLN A 339 26.46 20.28 29.01
N GLU A 340 27.63 20.32 29.65
CA GLU A 340 27.73 19.89 31.05
C GLU A 340 26.93 20.80 31.99
N ALA A 341 26.90 22.09 31.70
CA ALA A 341 26.19 23.03 32.57
C ALA A 341 24.66 22.85 32.49
N ALA A 342 24.13 22.66 31.27
CA ALA A 342 22.69 22.40 31.08
C ALA A 342 22.26 21.16 31.87
N ARG A 343 22.90 20.03 31.57
CA ARG A 343 22.55 18.73 32.16
C ARG A 343 23.42 18.41 33.38
#